data_2OFE
#
_entry.id   2OFE
#
_cell.length_a   99.768
_cell.length_b   99.768
_cell.length_c   64.080
_cell.angle_alpha   90.00
_cell.angle_beta   90.00
_cell.angle_gamma   90.00
#
_symmetry.space_group_name_H-M   'P 42 21 2'
#
loop_
_entity.id
_entity.type
_entity.pdbx_description
1 polymer 'Sclerotium rolfsii lectin'
2 non-polymer 2-acetamido-2-deoxy-beta-D-glucopyranose
3 non-polymer 'ACETATE ION'
4 non-polymer (4S)-2-METHYL-2,4-PENTANEDIOL
5 water water
#
_entity_poly.entity_id   1
_entity_poly.type   'polypeptide(L)'
_entity_poly.pdbx_seq_one_letter_code
;(ACE)TYKITVRVYQTNPNAFFHPVEKTVWKYANGGTWTITDDQHVLTMGGSGTSGTLRFHADNGESFTATFGVHNYKRW
CDIVTNLAADETGMVINQQYYSQKNREEARERQLSNYEVKNAKGRNFEIVYTEAEGNDLHANLIIG
;
_entity_poly.pdbx_strand_id   A,B
#
# COMPACT_ATOMS: atom_id res chain seq x y z
N THR A 2 0.25 -6.00 20.40
CA THR A 2 -0.15 -5.44 19.11
C THR A 2 -1.17 -4.31 19.26
N TYR A 3 -1.24 -3.47 18.24
CA TYR A 3 -2.22 -2.38 18.16
C TYR A 3 -3.04 -2.50 16.89
N LYS A 4 -4.33 -2.20 17.01
CA LYS A 4 -5.22 -2.20 15.86
C LYS A 4 -5.88 -0.83 15.71
N ILE A 5 -5.97 -0.33 14.47
CA ILE A 5 -6.71 0.90 14.18
C ILE A 5 -7.72 0.59 13.08
N THR A 6 -9.00 0.77 13.40
CA THR A 6 -10.09 0.51 12.45
C THR A 6 -10.63 1.84 11.92
N VAL A 7 -10.59 2.01 10.60
CA VAL A 7 -10.92 3.29 9.97
C VAL A 7 -12.22 3.24 9.15
N ARG A 8 -13.14 4.15 9.47
CA ARG A 8 -14.39 4.30 8.72
C ARG A 8 -14.33 5.57 7.91
N VAL A 9 -14.62 5.47 6.61
CA VAL A 9 -14.53 6.62 5.73
C VAL A 9 -15.91 7.20 5.43
N TYR A 10 -16.05 8.49 5.71
CA TYR A 10 -17.30 9.25 5.47
C TYR A 10 -17.06 10.26 4.37
N GLN A 11 -17.88 10.22 3.32
CA GLN A 11 -17.82 11.23 2.27
C GLN A 11 -19.11 12.02 2.27
N THR A 12 -18.97 13.35 2.34
CA THR A 12 -20.11 14.23 2.61
C THR A 12 -20.45 15.16 1.45
N ASN A 13 -19.57 15.24 0.46
CA ASN A 13 -19.70 16.24 -0.61
C ASN A 13 -19.87 15.58 -1.98
N PRO A 14 -21.04 15.76 -2.61
CA PRO A 14 -21.30 15.07 -3.88
C PRO A 14 -20.49 15.59 -5.08
N ASN A 15 -19.73 16.67 -4.89
CA ASN A 15 -18.93 17.23 -5.99
C ASN A 15 -17.66 16.44 -6.30
N ALA A 16 -17.43 15.37 -5.53
CA ALA A 16 -16.28 14.49 -5.71
C ALA A 16 -16.57 13.11 -5.14
N PHE A 17 -15.84 12.12 -5.62
CA PHE A 17 -15.86 10.79 -5.02
C PHE A 17 -14.45 10.26 -4.91
N PHE A 18 -14.02 10.06 -3.67
CA PHE A 18 -12.67 9.57 -3.38
C PHE A 18 -12.67 8.06 -3.18
N HIS A 19 -11.58 7.43 -3.60
CA HIS A 19 -11.43 6.00 -3.33
C HIS A 19 -9.97 5.69 -3.01
N PRO A 20 -9.73 4.64 -2.21
CA PRO A 20 -8.38 4.30 -1.79
C PRO A 20 -7.57 3.73 -2.95
N VAL A 21 -6.35 4.22 -3.12
CA VAL A 21 -5.50 3.79 -4.25
C VAL A 21 -4.14 3.24 -3.82
N GLU A 22 -3.90 3.25 -2.51
CA GLU A 22 -2.64 2.76 -1.96
C GLU A 22 -2.79 2.57 -0.46
N LYS A 23 -2.20 1.49 0.05
CA LYS A 23 -2.17 1.28 1.50
C LYS A 23 -0.82 0.68 1.90
N THR A 24 -0.12 1.39 2.77
CA THR A 24 1.26 1.04 3.09
C THR A 24 1.41 0.80 4.59
N VAL A 25 2.42 0.00 4.95
CA VAL A 25 2.73 -0.25 6.35
C VAL A 25 4.22 0.02 6.60
N TRP A 26 4.51 0.86 7.59
CA TRP A 26 5.90 1.16 7.94
C TRP A 26 6.57 -0.02 8.67
N LYS A 27 7.90 -0.05 8.59
CA LYS A 27 8.70 -1.24 8.92
C LYS A 27 9.02 -1.46 10.40
N TYR A 28 8.81 -0.44 11.24
CA TYR A 28 9.11 -0.58 12.67
C TYR A 28 8.09 -1.46 13.39
N ALA A 29 8.42 -1.85 14.63
CA ALA A 29 7.52 -2.60 15.52
C ALA A 29 6.97 -3.88 14.88
N ASN A 30 7.84 -4.59 14.15
CA ASN A 30 7.47 -5.81 13.43
C ASN A 30 6.40 -5.61 12.34
N GLY A 31 6.31 -4.39 11.81
CA GLY A 31 5.40 -4.11 10.72
C GLY A 31 3.93 -4.28 11.05
N GLY A 32 3.18 -4.87 10.14
CA GLY A 32 1.74 -4.96 10.29
C GLY A 32 1.06 -5.26 8.97
N THR A 33 -0.26 -5.08 8.95
CA THR A 33 -1.09 -5.48 7.82
C THR A 33 -2.29 -4.53 7.73
N TRP A 34 -2.67 -4.18 6.50
CA TRP A 34 -3.98 -3.54 6.24
C TRP A 34 -4.92 -4.60 5.72
N THR A 35 -6.14 -4.62 6.23
CA THR A 35 -7.17 -5.49 5.70
C THR A 35 -8.51 -4.74 5.66
N ILE A 36 -9.54 -5.40 5.15
CA ILE A 36 -10.88 -4.82 5.10
C ILE A 36 -11.86 -5.76 5.78
N THR A 37 -12.69 -5.19 6.67
CA THR A 37 -13.75 -5.91 7.34
C THR A 37 -14.96 -5.00 7.37
N ASP A 38 -16.10 -5.47 6.87
CA ASP A 38 -17.34 -4.67 6.84
C ASP A 38 -17.11 -3.26 6.27
N ASP A 39 -16.39 -3.18 5.15
CA ASP A 39 -16.09 -1.90 4.47
C ASP A 39 -15.19 -0.95 5.28
N GLN A 40 -14.59 -1.45 6.35
CA GLN A 40 -13.69 -0.65 7.18
C GLN A 40 -12.26 -1.05 6.90
N HIS A 41 -11.35 -0.07 6.91
CA HIS A 41 -9.92 -0.34 6.74
C HIS A 41 -9.27 -0.58 8.09
N VAL A 42 -8.73 -1.78 8.27
CA VAL A 42 -8.20 -2.19 9.57
C VAL A 42 -6.70 -2.38 9.49
N LEU A 43 -5.99 -1.56 10.27
CA LEU A 43 -4.53 -1.64 10.36
C LEU A 43 -4.14 -2.35 11.64
N THR A 44 -3.44 -3.47 11.51
CA THR A 44 -2.90 -4.18 12.66
C THR A 44 -1.39 -4.02 12.65
N MET A 45 -0.83 -3.65 13.80
CA MET A 45 0.61 -3.40 13.93
C MET A 45 1.19 -4.30 15.01
N GLY A 46 2.44 -4.71 14.82
CA GLY A 46 3.09 -5.64 15.73
C GLY A 46 3.33 -5.12 17.14
N GLY A 47 3.33 -3.80 17.29
CA GLY A 47 3.51 -3.14 18.59
C GLY A 47 3.44 -1.64 18.41
N SER A 48 3.72 -0.90 19.48
CA SER A 48 3.80 0.55 19.38
C SER A 48 5.05 0.94 18.60
N GLY A 49 4.93 2.01 17.81
CA GLY A 49 6.08 2.60 17.14
C GLY A 49 6.07 2.56 15.62
N THR A 50 4.96 2.15 15.02
CA THR A 50 4.85 2.15 13.57
C THR A 50 3.52 2.78 13.12
N SER A 51 3.19 2.65 11.83
CA SER A 51 2.05 3.35 11.25
C SER A 51 1.72 2.77 9.88
N GLY A 52 0.60 3.21 9.33
CA GLY A 52 0.22 2.85 7.96
C GLY A 52 -0.45 4.03 7.30
N THR A 53 -0.28 4.14 5.98
CA THR A 53 -0.83 5.27 5.21
C THR A 53 -1.85 4.79 4.18
N LEU A 54 -2.99 5.47 4.12
CA LEU A 54 -3.97 5.27 3.06
C LEU A 54 -3.90 6.49 2.14
N ARG A 55 -3.77 6.26 0.84
CA ARG A 55 -3.86 7.35 -0.12
C ARG A 55 -5.18 7.27 -0.86
N PHE A 56 -5.86 8.40 -0.98
CA PHE A 56 -7.15 8.50 -1.68
C PHE A 56 -7.03 9.41 -2.89
N HIS A 57 -7.78 9.08 -3.94
CA HIS A 57 -7.79 9.85 -5.18
C HIS A 57 -9.24 10.06 -5.63
N ALA A 58 -9.53 11.23 -6.18
CA ALA A 58 -10.84 11.48 -6.77
C ALA A 58 -10.74 11.69 -8.28
N ASP A 59 -11.85 11.49 -8.99
CA ASP A 59 -11.93 11.71 -10.44
C ASP A 59 -11.41 13.06 -10.89
N ASN A 60 -11.63 14.09 -10.06
CA ASN A 60 -11.28 15.48 -10.39
C ASN A 60 -9.80 15.82 -10.19
N GLY A 61 -9.01 14.83 -9.79
CA GLY A 61 -7.57 15.01 -9.62
C GLY A 61 -7.12 15.25 -8.19
N GLU A 62 -8.06 15.51 -7.28
CA GLU A 62 -7.71 15.74 -5.89
C GLU A 62 -7.25 14.44 -5.24
N SER A 63 -6.29 14.56 -4.32
CA SER A 63 -5.79 13.40 -3.59
C SER A 63 -5.20 13.81 -2.25
N PHE A 64 -5.14 12.85 -1.33
CA PHE A 64 -4.58 13.11 -0.03
C PHE A 64 -4.15 11.80 0.59
N THR A 65 -3.31 11.89 1.63
CA THR A 65 -2.98 10.73 2.45
C THR A 65 -3.54 10.93 3.85
N ALA A 66 -3.98 9.82 4.45
CA ALA A 66 -4.35 9.77 5.86
C ALA A 66 -3.48 8.71 6.48
N THR A 67 -2.71 9.10 7.50
CA THR A 67 -1.79 8.18 8.15
C THR A 67 -2.16 8.00 9.61
N PHE A 68 -2.10 6.76 10.07
CA PHE A 68 -2.56 6.36 11.40
C PHE A 68 -1.47 5.53 12.04
N GLY A 69 -1.20 5.77 13.32
CA GLY A 69 -0.14 5.00 13.97
C GLY A 69 -0.19 5.09 15.48
N VAL A 70 0.81 4.48 16.11
CA VAL A 70 0.93 4.54 17.55
C VAL A 70 2.37 4.93 17.89
N HIS A 71 2.51 5.97 18.72
CA HIS A 71 3.82 6.48 19.11
C HIS A 71 3.88 6.51 20.63
N ASN A 72 4.85 5.78 21.21
CA ASN A 72 4.92 5.60 22.67
C ASN A 72 3.55 5.30 23.28
N TYR A 73 2.90 4.29 22.70
CA TYR A 73 1.63 3.72 23.18
C TYR A 73 0.39 4.61 23.01
N LYS A 74 0.56 5.75 22.35
CA LYS A 74 -0.54 6.70 22.14
C LYS A 74 -0.80 6.85 20.65
N ARG A 75 -2.06 6.94 20.27
CA ARG A 75 -2.38 7.01 18.85
C ARG A 75 -1.97 8.35 18.25
N TRP A 76 -1.69 8.34 16.96
CA TRP A 76 -1.43 9.56 16.23
C TRP A 76 -2.06 9.49 14.84
N CYS A 77 -2.19 10.65 14.21
CA CYS A 77 -2.73 10.74 12.87
C CYS A 77 -2.26 12.02 12.19
N ASP A 78 -2.26 12.00 10.87
CA ASP A 78 -1.93 13.18 10.09
C ASP A 78 -2.53 13.04 8.69
N ILE A 79 -2.78 14.18 8.07
CA ILE A 79 -3.30 14.24 6.71
C ILE A 79 -2.36 15.11 5.89
N VAL A 80 -1.97 14.64 4.71
CA VAL A 80 -1.20 15.45 3.77
C VAL A 80 -1.99 15.58 2.49
N THR A 81 -2.18 16.83 2.04
CA THR A 81 -2.98 17.12 0.86
C THR A 81 -2.10 17.77 -0.22
N ASN A 82 -2.71 18.17 -1.33
CA ASN A 82 -1.99 18.85 -2.42
C ASN A 82 -0.84 17.99 -2.97
N LEU A 83 -1.06 16.68 -2.99
CA LEU A 83 0.00 15.75 -3.37
C LEU A 83 0.43 15.89 -4.82
N ALA A 84 1.75 15.97 -5.02
CA ALA A 84 2.33 15.87 -6.36
C ALA A 84 2.31 14.41 -6.79
N ALA A 85 2.42 14.17 -8.10
CA ALA A 85 2.39 12.81 -8.66
C ALA A 85 3.48 11.90 -8.08
N ASP A 86 4.60 12.48 -7.66
CA ASP A 86 5.70 11.70 -7.09
C ASP A 86 5.62 11.56 -5.57
N GLU A 87 4.54 12.06 -4.99
CA GLU A 87 4.28 11.89 -3.56
C GLU A 87 3.26 10.77 -3.38
N THR A 88 3.71 9.55 -3.61
CA THR A 88 2.85 8.39 -3.42
C THR A 88 2.74 8.10 -1.92
N GLY A 89 1.81 7.20 -1.57
CA GLY A 89 1.60 6.81 -0.18
C GLY A 89 2.87 6.33 0.50
N MET A 90 3.65 5.51 -0.19
CA MET A 90 4.87 4.96 0.41
C MET A 90 5.94 6.03 0.67
N VAL A 91 5.94 7.07 -0.16
CA VAL A 91 6.83 8.21 0.04
C VAL A 91 6.44 8.95 1.31
N ILE A 92 5.16 9.29 1.42
CA ILE A 92 4.63 10.00 2.58
C ILE A 92 4.82 9.20 3.88
N ASN A 93 4.51 7.90 3.84
CA ASN A 93 4.61 7.10 5.07
C ASN A 93 6.01 7.13 5.67
N GLN A 94 7.02 7.01 4.80
CA GLN A 94 8.43 6.98 5.25
C GLN A 94 8.85 8.33 5.85
N GLN A 95 8.27 9.41 5.32
CA GLN A 95 8.62 10.76 5.77
C GLN A 95 8.33 11.02 7.26
N TYR A 96 7.39 10.26 7.85
CA TYR A 96 7.08 10.42 9.28
C TYR A 96 8.22 10.01 10.20
N TYR A 97 9.26 9.44 9.61
CA TYR A 97 10.42 8.98 10.38
C TYR A 97 11.73 9.59 9.87
N SER A 98 11.61 10.63 9.04
CA SER A 98 12.77 11.29 8.45
C SER A 98 12.64 12.81 8.33
N GLN A 99 11.44 13.27 7.96
CA GLN A 99 11.19 14.67 7.66
C GLN A 99 10.61 15.41 8.87
N LYS A 100 11.27 16.51 9.25
CA LYS A 100 10.97 17.21 10.51
C LYS A 100 9.49 17.52 10.77
N ASN A 101 8.81 18.16 9.82
CA ASN A 101 7.40 18.52 10.03
C ASN A 101 6.49 17.31 10.20
N ARG A 102 6.80 16.23 9.47
CA ARG A 102 6.03 14.99 9.58
C ARG A 102 6.32 14.30 10.91
N GLU A 103 7.59 14.25 11.30
CA GLU A 103 7.97 13.65 12.59
C GLU A 103 7.25 14.37 13.73
N GLU A 104 7.25 15.69 13.67
CA GLU A 104 6.59 16.50 14.70
C GLU A 104 5.09 16.25 14.77
N ALA A 105 4.45 16.07 13.60
CA ALA A 105 3.04 15.72 13.54
C ALA A 105 2.77 14.40 14.28
N ARG A 106 3.58 13.39 13.97
CA ARG A 106 3.48 12.09 14.66
C ARG A 106 3.65 12.26 16.17
N GLU A 107 4.66 13.02 16.56
CA GLU A 107 4.99 13.18 17.97
C GLU A 107 3.89 13.89 18.78
N ARG A 108 3.02 14.62 18.09
CA ARG A 108 1.89 15.30 18.72
C ARG A 108 0.83 14.33 19.26
N GLN A 109 0.84 13.09 18.76
CA GLN A 109 -0.04 12.04 19.26
C GLN A 109 -1.50 12.49 19.27
N LEU A 110 -1.95 13.00 18.13
CA LEU A 110 -3.30 13.58 18.04
C LEU A 110 -4.42 12.54 17.97
N SER A 111 -5.49 12.77 18.74
CA SER A 111 -6.69 11.95 18.63
C SER A 111 -7.60 12.50 17.54
N ASN A 112 -7.27 13.67 17.02
CA ASN A 112 -8.04 14.31 15.96
C ASN A 112 -7.22 15.37 15.26
N TYR A 113 -7.42 15.46 13.94
CA TYR A 113 -6.68 16.39 13.10
C TYR A 113 -7.52 16.74 11.88
N GLU A 114 -7.45 18.01 11.46
CA GLU A 114 -8.07 18.42 10.22
C GLU A 114 -7.23 19.44 9.49
N VAL A 115 -7.33 19.43 8.17
CA VAL A 115 -6.63 20.37 7.30
C VAL A 115 -7.42 20.58 6.01
N LYS A 116 -7.24 21.72 5.36
CA LYS A 116 -7.84 21.98 4.04
C LYS A 116 -6.79 21.93 2.94
N ASN A 117 -7.17 21.42 1.76
CA ASN A 117 -6.30 21.50 0.59
C ASN A 117 -6.40 22.85 -0.12
N ALA A 118 -5.66 23.00 -1.22
CA ALA A 118 -5.58 24.26 -1.96
C ALA A 118 -6.90 24.65 -2.60
N LYS A 119 -7.76 23.66 -2.82
CA LYS A 119 -9.09 23.89 -3.40
C LYS A 119 -10.14 24.21 -2.33
N GLY A 120 -9.73 24.16 -1.06
CA GLY A 120 -10.61 24.52 0.05
C GLY A 120 -11.39 23.39 0.67
N ARG A 121 -11.11 22.15 0.24
CA ARG A 121 -11.81 20.98 0.81
C ARG A 121 -11.22 20.60 2.16
N ASN A 122 -12.09 20.37 3.14
CA ASN A 122 -11.65 19.93 4.47
C ASN A 122 -11.54 18.41 4.56
N PHE A 123 -10.56 17.94 5.34
CA PHE A 123 -10.37 16.52 5.65
C PHE A 123 -10.13 16.42 7.15
N GLU A 124 -10.79 15.48 7.80
CA GLU A 124 -10.63 15.32 9.24
C GLU A 124 -10.52 13.86 9.65
N ILE A 125 -9.66 13.59 10.64
CA ILE A 125 -9.63 12.31 11.32
C ILE A 125 -10.06 12.54 12.76
N VAL A 126 -10.97 11.70 13.24
CA VAL A 126 -11.41 11.72 14.64
C VAL A 126 -11.39 10.31 15.20
N TYR A 127 -10.57 10.06 16.22
CA TYR A 127 -10.60 8.76 16.89
C TYR A 127 -11.79 8.69 17.84
N THR A 128 -12.75 7.82 17.53
CA THR A 128 -13.94 7.61 18.37
C THR A 128 -13.67 6.59 19.49
N GLU A 129 -12.62 5.79 19.31
CA GLU A 129 -12.09 4.93 20.37
C GLU A 129 -10.61 5.25 20.40
N ALA A 130 -10.23 6.06 21.39
CA ALA A 130 -8.99 6.84 21.31
C ALA A 130 -7.92 6.44 22.32
N GLU A 131 -8.18 5.38 23.07
CA GLU A 131 -7.21 4.88 24.05
C GLU A 131 -7.12 3.36 24.02
N GLY A 132 -5.99 2.82 24.49
CA GLY A 132 -5.77 1.38 24.50
C GLY A 132 -5.32 0.79 23.17
N ASN A 133 -5.45 -0.53 23.03
CA ASN A 133 -4.88 -1.26 21.89
C ASN A 133 -5.85 -1.49 20.74
N ASP A 134 -7.13 -1.17 20.97
CA ASP A 134 -8.16 -1.36 19.96
C ASP A 134 -8.77 -0.01 19.61
N LEU A 135 -8.14 0.65 18.64
CA LEU A 135 -8.43 2.04 18.30
C LEU A 135 -9.35 2.15 17.09
N HIS A 136 -10.24 3.13 17.10
CA HIS A 136 -11.20 3.32 16.01
C HIS A 136 -11.24 4.80 15.61
N ALA A 137 -11.15 5.05 14.31
CA ALA A 137 -11.16 6.42 13.80
C ALA A 137 -12.10 6.61 12.63
N ASN A 138 -12.72 7.79 12.57
CA ASN A 138 -13.44 8.26 11.39
C ASN A 138 -12.54 9.12 10.53
N LEU A 139 -12.58 8.89 9.22
CA LEU A 139 -11.99 9.80 8.25
C LEU A 139 -13.14 10.47 7.52
N ILE A 140 -13.26 11.78 7.74
CA ILE A 140 -14.39 12.55 7.19
C ILE A 140 -13.91 13.49 6.10
N ILE A 141 -14.42 13.27 4.89
CA ILE A 141 -14.06 14.07 3.73
C ILE A 141 -15.15 15.11 3.48
N GLY A 142 -14.73 16.37 3.37
CA GLY A 142 -15.64 17.48 3.15
C GLY A 142 -15.82 17.80 1.67
N THR B 2 0.07 6.02 -20.42
CA THR B 2 -0.02 5.24 -19.19
C THR B 2 0.07 3.74 -19.47
N TYR B 3 0.47 2.98 -18.45
CA TYR B 3 0.47 1.52 -18.50
C TYR B 3 -0.47 0.98 -17.43
N LYS B 4 -1.21 -0.06 -17.76
CA LYS B 4 -2.09 -0.72 -16.81
C LYS B 4 -1.70 -2.18 -16.70
N ILE B 5 -1.72 -2.72 -15.48
CA ILE B 5 -1.50 -4.14 -15.26
C ILE B 5 -2.66 -4.67 -14.42
N THR B 6 -3.38 -5.64 -14.97
CA THR B 6 -4.53 -6.26 -14.31
C THR B 6 -4.15 -7.65 -13.80
N VAL B 7 -4.30 -7.85 -12.49
CA VAL B 7 -3.82 -9.06 -11.82
C VAL B 7 -4.97 -9.91 -11.29
N ARG B 8 -4.99 -11.17 -11.70
CA ARG B 8 -5.95 -12.15 -11.20
C ARG B 8 -5.21 -13.12 -10.28
N VAL B 9 -5.73 -13.28 -9.07
CA VAL B 9 -5.11 -14.17 -8.09
C VAL B 9 -5.78 -15.54 -8.05
N TYR B 10 -4.97 -16.58 -8.29
CA TYR B 10 -5.41 -17.97 -8.20
C TYR B 10 -4.78 -18.64 -7.01
N GLN B 11 -5.60 -18.97 -6.01
CA GLN B 11 -5.15 -19.75 -4.87
C GLN B 11 -5.55 -21.19 -5.09
N THR B 12 -4.56 -22.06 -5.15
CA THR B 12 -4.76 -23.43 -5.62
C THR B 12 -4.68 -24.48 -4.51
N ASN B 13 -4.18 -24.08 -3.34
CA ASN B 13 -3.88 -25.01 -2.28
C ASN B 13 -4.66 -24.72 -1.01
N PRO B 14 -5.70 -25.53 -0.73
CA PRO B 14 -6.52 -25.32 0.47
C PRO B 14 -5.82 -25.43 1.83
N ASN B 15 -4.52 -25.73 1.87
CA ASN B 15 -3.83 -25.81 3.16
C ASN B 15 -3.40 -24.46 3.76
N ALA B 16 -3.73 -23.38 3.05
CA ALA B 16 -3.50 -22.02 3.52
C ALA B 16 -4.46 -21.09 2.79
N PHE B 17 -4.63 -19.87 3.32
CA PHE B 17 -5.38 -18.84 2.62
C PHE B 17 -4.67 -17.51 2.76
N PHE B 18 -4.25 -16.95 1.63
CA PHE B 18 -3.54 -15.68 1.59
C PHE B 18 -4.50 -14.55 1.25
N HIS B 19 -4.24 -13.37 1.81
CA HIS B 19 -5.01 -12.19 1.42
C HIS B 19 -4.10 -10.97 1.35
N PRO B 20 -4.45 -9.98 0.51
CA PRO B 20 -3.60 -8.81 0.35
C PRO B 20 -3.60 -7.92 1.61
N VAL B 21 -2.42 -7.53 2.05
CA VAL B 21 -2.29 -6.75 3.28
C VAL B 21 -1.57 -5.42 3.06
N GLU B 22 -1.12 -5.18 1.84
CA GLU B 22 -0.43 -3.94 1.51
C GLU B 22 -0.40 -3.77 0.00
N LYS B 23 -0.60 -2.55 -0.47
CA LYS B 23 -0.55 -2.24 -1.89
C LYS B 23 0.14 -0.90 -2.07
N THR B 24 1.34 -0.93 -2.65
CA THR B 24 2.19 0.26 -2.72
C THR B 24 2.46 0.67 -4.17
N VAL B 25 2.78 1.95 -4.37
CA VAL B 25 3.10 2.47 -5.71
C VAL B 25 4.37 3.29 -5.65
N TRP B 26 5.34 2.95 -6.48
CA TRP B 26 6.60 3.69 -6.54
C TRP B 26 6.45 5.06 -7.22
N LYS B 27 7.34 5.99 -6.86
CA LYS B 27 7.17 7.41 -7.16
C LYS B 27 7.57 7.85 -8.56
N TYR B 28 8.29 7.01 -9.30
CA TYR B 28 8.73 7.36 -10.65
C TYR B 28 7.57 7.40 -11.64
N ALA B 29 7.81 8.00 -12.81
CA ALA B 29 6.86 8.00 -13.93
C ALA B 29 5.48 8.53 -13.55
N ASN B 30 5.46 9.57 -12.71
CA ASN B 30 4.21 10.19 -12.20
C ASN B 30 3.38 9.26 -11.34
N GLY B 31 4.03 8.27 -10.74
CA GLY B 31 3.36 7.35 -9.81
C GLY B 31 2.25 6.53 -10.46
N GLY B 32 1.16 6.37 -9.73
CA GLY B 32 0.08 5.51 -10.17
C GLY B 32 -0.89 5.20 -9.06
N THR B 33 -1.72 4.19 -9.31
CA THR B 33 -2.83 3.87 -8.40
C THR B 33 -3.11 2.36 -8.47
N TRP B 34 -3.44 1.77 -7.31
CA TRP B 34 -4.00 0.42 -7.24
C TRP B 34 -5.49 0.54 -7.04
N THR B 35 -6.26 -0.19 -7.83
CA THR B 35 -7.72 -0.24 -7.63
C THR B 35 -8.21 -1.69 -7.73
N ILE B 36 -9.51 -1.90 -7.53
CA ILE B 36 -10.10 -3.22 -7.68
C ILE B 36 -11.30 -3.12 -8.60
N THR B 37 -11.33 -4.00 -9.61
CA THR B 37 -12.46 -4.15 -10.51
C THR B 37 -12.74 -5.63 -10.71
N ASP B 38 -13.97 -6.05 -10.40
CA ASP B 38 -14.38 -7.46 -10.54
C ASP B 38 -13.40 -8.45 -9.88
N ASP B 39 -13.01 -8.14 -8.64
CA ASP B 39 -12.08 -8.97 -7.84
C ASP B 39 -10.63 -9.00 -8.37
N GLN B 40 -10.33 -8.18 -9.37
CA GLN B 40 -8.97 -8.10 -9.93
C GLN B 40 -8.25 -6.88 -9.39
N HIS B 41 -6.96 -7.03 -9.12
CA HIS B 41 -6.13 -5.91 -8.70
C HIS B 41 -5.59 -5.21 -9.93
N VAL B 42 -5.87 -3.92 -10.06
CA VAL B 42 -5.49 -3.15 -11.24
C VAL B 42 -4.51 -2.05 -10.87
N LEU B 43 -3.32 -2.10 -11.47
CA LEU B 43 -2.30 -1.09 -11.26
C LEU B 43 -2.23 -0.21 -12.51
N THR B 44 -2.40 1.10 -12.32
CA THR B 44 -2.23 2.05 -13.42
C THR B 44 -1.04 2.92 -13.08
N MET B 45 -0.16 3.13 -14.06
CA MET B 45 1.08 3.89 -13.88
C MET B 45 1.18 4.99 -14.92
N GLY B 46 1.79 6.11 -14.55
CA GLY B 46 1.85 7.29 -15.43
C GLY B 46 2.67 7.13 -16.71
N GLY B 47 3.56 6.14 -16.72
CA GLY B 47 4.43 5.86 -17.86
C GLY B 47 5.33 4.69 -17.51
N SER B 48 6.31 4.43 -18.37
CA SER B 48 7.30 3.39 -18.10
C SER B 48 8.27 3.84 -17.01
N GLY B 49 8.71 2.89 -16.18
CA GLY B 49 9.78 3.15 -15.22
C GLY B 49 9.37 3.10 -13.75
N THR B 50 8.14 2.70 -13.49
CA THR B 50 7.70 2.52 -12.11
C THR B 50 7.03 1.16 -11.89
N SER B 51 6.45 0.96 -10.71
CA SER B 51 5.93 -0.35 -10.33
C SER B 51 5.06 -0.23 -9.10
N GLY B 52 4.38 -1.34 -8.77
CA GLY B 52 3.59 -1.42 -7.56
C GLY B 52 3.75 -2.79 -6.93
N THR B 53 3.70 -2.84 -5.60
CA THR B 53 3.89 -4.09 -4.87
C THR B 53 2.62 -4.47 -4.12
N LEU B 54 2.19 -5.73 -4.28
CA LEU B 54 1.17 -6.31 -3.41
C LEU B 54 1.84 -7.24 -2.42
N ARG B 55 1.55 -7.07 -1.13
CA ARG B 55 2.01 -8.03 -0.14
C ARG B 55 0.83 -8.87 0.33
N PHE B 56 1.03 -10.19 0.38
CA PHE B 56 0.00 -11.13 0.81
C PHE B 56 0.45 -11.82 2.08
N HIS B 57 -0.51 -12.16 2.94
CA HIS B 57 -0.24 -12.80 4.22
C HIS B 57 -1.25 -13.92 4.44
N ALA B 58 -0.78 -15.05 4.98
CA ALA B 58 -1.65 -16.16 5.36
C ALA B 58 -1.70 -16.28 6.88
N ASP B 59 -2.81 -16.77 7.42
CA ASP B 59 -2.93 -16.84 8.89
C ASP B 59 -2.02 -17.87 9.56
N ASN B 60 -1.35 -18.70 8.76
CA ASN B 60 -0.32 -19.59 9.27
C ASN B 60 1.06 -18.92 9.37
N GLY B 61 1.13 -17.64 9.02
CA GLY B 61 2.38 -16.88 9.11
C GLY B 61 3.16 -16.68 7.83
N GLU B 62 2.82 -17.42 6.78
CA GLU B 62 3.50 -17.27 5.48
C GLU B 62 3.13 -15.93 4.84
N SER B 63 4.05 -15.40 4.03
CA SER B 63 3.80 -14.14 3.33
C SER B 63 4.74 -13.99 2.15
N PHE B 64 4.39 -13.09 1.24
CA PHE B 64 5.25 -12.78 0.11
C PHE B 64 4.84 -11.45 -0.50
N THR B 65 5.76 -10.88 -1.28
CA THR B 65 5.43 -9.74 -2.12
C THR B 65 5.44 -10.15 -3.59
N ALA B 66 4.48 -9.59 -4.33
CA ALA B 66 4.43 -9.71 -5.78
C ALA B 66 4.51 -8.30 -6.33
N THR B 67 5.56 -8.02 -7.09
CA THR B 67 5.75 -6.68 -7.65
C THR B 67 5.60 -6.72 -9.17
N PHE B 68 4.88 -5.73 -9.70
CA PHE B 68 4.55 -5.64 -11.11
C PHE B 68 4.91 -4.24 -11.58
N GLY B 69 5.49 -4.13 -12.76
CA GLY B 69 5.85 -2.80 -13.26
C GLY B 69 6.21 -2.83 -14.72
N VAL B 70 6.68 -1.69 -15.21
CA VAL B 70 7.14 -1.58 -16.59
C VAL B 70 8.52 -0.95 -16.58
N HIS B 71 9.45 -1.63 -17.24
CA HIS B 71 10.83 -1.16 -17.34
C HIS B 71 11.20 -1.09 -18.81
N ASN B 72 11.63 0.08 -19.26
CA ASN B 72 11.99 0.27 -20.67
C ASN B 72 10.89 -0.25 -21.60
N TYR B 73 9.64 0.10 -21.26
CA TYR B 73 8.44 -0.14 -22.10
C TYR B 73 7.99 -1.60 -22.17
N LYS B 74 8.61 -2.45 -21.35
CA LYS B 74 8.23 -3.85 -21.26
C LYS B 74 7.87 -4.21 -19.82
N ARG B 75 6.93 -5.15 -19.65
CA ARG B 75 6.53 -5.52 -18.30
C ARG B 75 7.67 -6.21 -17.55
N TRP B 76 7.62 -6.11 -16.22
CA TRP B 76 8.49 -6.91 -15.37
C TRP B 76 7.71 -7.40 -14.16
N CYS B 77 8.27 -8.41 -13.49
CA CYS B 77 7.70 -8.88 -12.24
C CYS B 77 8.77 -9.54 -11.39
N ASP B 78 8.49 -9.61 -10.09
CA ASP B 78 9.38 -10.31 -9.16
C ASP B 78 8.59 -10.69 -7.91
N ILE B 79 9.03 -11.76 -7.26
CA ILE B 79 8.41 -12.22 -6.03
C ILE B 79 9.48 -12.30 -4.96
N VAL B 80 9.18 -11.78 -3.77
CA VAL B 80 10.10 -11.92 -2.64
C VAL B 80 9.34 -12.58 -1.50
N THR B 81 9.92 -13.65 -0.97
CA THR B 81 9.28 -14.35 0.13
C THR B 81 10.23 -14.53 1.31
N ASN B 82 9.83 -15.35 2.30
CA ASN B 82 10.58 -15.48 3.54
C ASN B 82 10.82 -14.11 4.17
N LEU B 83 9.80 -13.26 4.12
CA LEU B 83 9.91 -11.88 4.55
C LEU B 83 10.15 -11.79 6.05
N ALA B 84 11.13 -10.98 6.43
CA ALA B 84 11.28 -10.62 7.85
C ALA B 84 10.17 -9.64 8.23
N ALA B 85 9.93 -9.49 9.53
CA ALA B 85 8.87 -8.58 10.00
C ALA B 85 9.07 -7.12 9.56
N ASP B 86 10.33 -6.70 9.39
CA ASP B 86 10.63 -5.34 8.92
C ASP B 86 10.73 -5.19 7.40
N GLU B 87 10.38 -6.25 6.68
CA GLU B 87 10.33 -6.18 5.23
C GLU B 87 8.87 -6.05 4.81
N THR B 88 8.33 -4.85 4.98
CA THR B 88 6.96 -4.60 4.54
C THR B 88 6.97 -4.36 3.02
N GLY B 89 5.79 -4.26 2.42
CA GLY B 89 5.69 -4.07 0.97
C GLY B 89 6.40 -2.80 0.51
N MET B 90 6.23 -1.72 1.27
CA MET B 90 6.85 -0.45 0.90
C MET B 90 8.38 -0.52 0.94
N VAL B 91 8.93 -1.32 1.85
CA VAL B 91 10.38 -1.55 1.94
C VAL B 91 10.85 -2.26 0.68
N ILE B 92 10.18 -3.35 0.34
CA ILE B 92 10.54 -4.14 -0.84
C ILE B 92 10.39 -3.31 -2.13
N ASN B 93 9.30 -2.59 -2.27
CA ASN B 93 9.06 -1.84 -3.51
C ASN B 93 10.19 -0.85 -3.80
N GLN B 94 10.65 -0.14 -2.76
CA GLN B 94 11.71 0.85 -2.94
C GLN B 94 13.05 0.20 -3.33
N GLN B 95 13.27 -1.02 -2.83
CA GLN B 95 14.53 -1.72 -3.08
C GLN B 95 14.79 -1.99 -4.55
N TYR B 96 13.73 -2.09 -5.35
CA TYR B 96 13.89 -2.29 -6.79
C TYR B 96 14.60 -1.13 -7.50
N TYR B 97 14.81 -0.04 -6.78
CA TYR B 97 15.41 1.16 -7.37
C TYR B 97 16.69 1.60 -6.64
N SER B 98 17.23 0.71 -5.81
CA SER B 98 18.51 0.98 -5.13
C SER B 98 19.34 -0.26 -4.77
N GLN B 99 18.67 -1.38 -4.51
CA GLN B 99 19.38 -2.60 -4.12
C GLN B 99 19.70 -3.43 -5.36
N LYS B 100 20.99 -3.64 -5.62
CA LYS B 100 21.44 -4.17 -6.93
C LYS B 100 20.74 -5.47 -7.39
N ASN B 101 20.60 -6.45 -6.50
CA ASN B 101 19.95 -7.72 -6.89
C ASN B 101 18.49 -7.52 -7.31
N ARG B 102 17.78 -6.62 -6.62
CA ARG B 102 16.40 -6.29 -6.99
C ARG B 102 16.35 -5.52 -8.30
N GLU B 103 17.25 -4.55 -8.48
CA GLU B 103 17.35 -3.81 -9.73
C GLU B 103 17.53 -4.77 -10.90
N GLU B 104 18.42 -5.74 -10.74
CA GLU B 104 18.70 -6.69 -11.81
C GLU B 104 17.49 -7.56 -12.14
N ALA B 105 16.72 -7.95 -11.11
CA ALA B 105 15.48 -8.71 -11.33
C ALA B 105 14.49 -7.88 -12.15
N ARG B 106 14.31 -6.62 -11.77
CA ARG B 106 13.47 -5.69 -12.52
C ARG B 106 13.92 -5.54 -13.98
N GLU B 107 15.20 -5.32 -14.20
CA GLU B 107 15.72 -5.05 -15.54
C GLU B 107 15.67 -6.26 -16.47
N ARG B 108 15.48 -7.45 -15.90
CA ARG B 108 15.26 -8.66 -16.71
C ARG B 108 13.93 -8.65 -17.48
N GLN B 109 13.01 -7.77 -17.11
CA GLN B 109 11.73 -7.60 -17.82
C GLN B 109 10.99 -8.93 -17.98
N LEU B 110 10.90 -9.71 -16.90
CA LEU B 110 10.29 -11.03 -17.00
C LEU B 110 8.78 -10.95 -17.17
N SER B 111 8.25 -11.75 -18.10
CA SER B 111 6.81 -11.93 -18.21
C SER B 111 6.34 -13.16 -17.43
N ASN B 112 7.29 -13.89 -16.86
CA ASN B 112 6.99 -15.10 -16.12
C ASN B 112 8.08 -15.34 -15.10
N TYR B 113 7.68 -15.56 -13.84
CA TYR B 113 8.63 -15.82 -12.76
C TYR B 113 8.00 -16.64 -11.65
N GLU B 114 8.76 -17.60 -11.13
CA GLU B 114 8.32 -18.34 -9.96
C GLU B 114 9.45 -18.55 -8.96
N VAL B 115 9.08 -18.72 -7.70
CA VAL B 115 10.04 -18.95 -6.61
C VAL B 115 9.34 -19.66 -5.45
N LYS B 116 10.12 -20.35 -4.62
CA LYS B 116 9.58 -21.08 -3.46
C LYS B 116 9.97 -20.40 -2.15
N ASN B 117 9.11 -20.50 -1.14
CA ASN B 117 9.51 -20.10 0.21
C ASN B 117 10.16 -21.27 0.97
N ALA B 118 10.57 -21.01 2.21
CA ALA B 118 11.26 -22.01 3.02
C ALA B 118 10.41 -23.24 3.35
N LYS B 119 9.09 -23.07 3.28
CA LYS B 119 8.15 -24.17 3.52
C LYS B 119 7.96 -25.03 2.27
N GLY B 120 8.48 -24.57 1.14
CA GLY B 120 8.37 -25.27 -0.13
C GLY B 120 7.17 -24.88 -0.97
N ARG B 121 6.47 -23.82 -0.58
CA ARG B 121 5.34 -23.33 -1.36
C ARG B 121 5.85 -22.54 -2.57
N ASN B 122 5.26 -22.82 -3.73
CA ASN B 122 5.56 -22.12 -4.97
C ASN B 122 4.66 -20.89 -5.17
N PHE B 123 5.25 -19.83 -5.70
CA PHE B 123 4.51 -18.63 -6.08
C PHE B 123 4.91 -18.28 -7.49
N GLU B 124 3.95 -17.93 -8.34
CA GLU B 124 4.23 -17.67 -9.75
C GLU B 124 3.46 -16.46 -10.25
N ILE B 125 4.14 -15.65 -11.06
CA ILE B 125 3.46 -14.60 -11.83
C ILE B 125 3.67 -14.95 -13.30
N VAL B 126 2.58 -14.96 -14.06
CA VAL B 126 2.68 -15.13 -15.51
C VAL B 126 1.78 -14.10 -16.21
N TYR B 127 2.36 -13.32 -17.11
CA TYR B 127 1.57 -12.39 -17.89
C TYR B 127 0.95 -13.13 -19.06
N THR B 128 -0.38 -13.16 -19.09
CA THR B 128 -1.12 -13.82 -20.18
C THR B 128 -1.31 -12.90 -21.38
N GLU B 129 -1.30 -11.59 -21.13
CA GLU B 129 -1.13 -10.60 -22.18
C GLU B 129 0.09 -9.79 -21.77
N ALA B 130 1.19 -10.02 -22.48
CA ALA B 130 2.50 -9.53 -22.06
C ALA B 130 3.04 -8.40 -22.93
N GLU B 131 2.20 -7.87 -23.82
CA GLU B 131 2.61 -6.82 -24.75
C GLU B 131 1.77 -5.56 -24.62
N GLY B 132 2.39 -4.42 -24.92
CA GLY B 132 1.65 -3.15 -25.03
C GLY B 132 1.37 -2.50 -23.69
N ASN B 133 0.35 -1.64 -23.69
CA ASN B 133 0.06 -0.81 -22.51
C ASN B 133 -1.07 -1.34 -21.63
N ASP B 134 -1.72 -2.41 -22.07
CA ASP B 134 -2.81 -3.03 -21.32
C ASP B 134 -2.44 -4.47 -21.01
N LEU B 135 -1.78 -4.64 -19.88
CA LEU B 135 -1.12 -5.89 -19.52
C LEU B 135 -1.96 -6.69 -18.54
N HIS B 136 -1.89 -8.01 -18.65
CA HIS B 136 -2.71 -8.91 -17.83
C HIS B 136 -1.87 -10.05 -17.30
N ALA B 137 -1.96 -10.27 -15.98
CA ALA B 137 -1.15 -11.30 -15.33
C ALA B 137 -1.95 -12.12 -14.34
N ASN B 138 -1.59 -13.40 -14.24
CA ASN B 138 -2.06 -14.25 -13.16
C ASN B 138 -1.01 -14.32 -12.08
N LEU B 139 -1.46 -14.24 -10.83
CA LEU B 139 -0.61 -14.56 -9.69
C LEU B 139 -1.14 -15.88 -9.15
N ILE B 140 -0.31 -16.92 -9.22
CA ILE B 140 -0.72 -18.27 -8.85
C ILE B 140 0.00 -18.70 -7.58
N ILE B 141 -0.80 -18.96 -6.54
CA ILE B 141 -0.28 -19.40 -5.26
C ILE B 141 -0.38 -20.93 -5.17
N GLY B 142 0.74 -21.58 -4.91
CA GLY B 142 0.81 -23.05 -4.83
C GLY B 142 0.51 -23.56 -3.44
#